data_9OMI
#
_entry.id   9OMI
#
_cell.length_a   64.830
_cell.length_b   65.960
_cell.length_c   123.460
_cell.angle_alpha   90.000
_cell.angle_beta   90.000
_cell.angle_gamma   90.000
#
_symmetry.space_group_name_H-M   'P 21 21 21'
#
loop_
_entity.id
_entity.type
_entity.pdbx_description
1 polymer Glycosyltransferase
2 non-polymer "GUANOSINE-5'-DIPHOSPHATE"
3 non-polymer GLYCEROL
4 non-polymer 'SULFATE ION'
5 water water
#
_entity_poly.entity_id   1
_entity_poly.type   'polypeptide(L)'
_entity_poly.pdbx_seq_one_letter_code
;MGPEFDITVVIPTFKAEKTVGQCLESVLSQQGVSTEIIVVDGGSPDATISIVQSFSSTNLTIISEPDRGIYDAINKGVSR
AQGGMIGVLGADDVYKPNVLSVVKENASRGVEIVAGLTLIDGQLRADEQYRPAALISGIPFGHNAMFASQEAYRKVGLYD
LAYRICADAEWVHRAIKSDISCRKVEQVFVEFGTEGTSSTNPEEIIAEACSVIQRNFPFLLKEEAKYLLYGVRGWGETSR
IEQILRKYGHESVLFVTALQEAFPAVETAAALEHHHHHH
;
_entity_poly.pdbx_strand_id   A,B
#
loop_
_chem_comp.id
_chem_comp.type
_chem_comp.name
_chem_comp.formula
GDP RNA linking GUANOSINE-5'-DIPHOSPHATE 'C10 H15 N5 O11 P2'
GOL non-polymer GLYCEROL 'C3 H8 O3'
SO4 non-polymer 'SULFATE ION' 'O4 S -2'
#
# COMPACT_ATOMS: atom_id res chain seq x y z
N GLU A 4 5.75 -31.47 0.59
CA GLU A 4 6.67 -32.37 -0.07
C GLU A 4 8.09 -31.80 -0.09
N PHE A 5 8.24 -30.55 0.34
CA PHE A 5 9.52 -29.88 0.32
C PHE A 5 9.88 -29.34 1.70
N ASP A 6 11.15 -29.48 2.08
CA ASP A 6 11.63 -28.86 3.31
C ASP A 6 11.51 -27.34 3.24
N ILE A 7 11.87 -26.76 2.10
CA ILE A 7 11.99 -25.32 1.95
C ILE A 7 11.27 -24.90 0.68
N THR A 8 10.57 -23.77 0.74
CA THR A 8 10.17 -23.02 -0.43
C THR A 8 10.90 -21.69 -0.41
N VAL A 9 11.56 -21.35 -1.51
CA VAL A 9 12.24 -20.07 -1.69
C VAL A 9 11.45 -19.27 -2.70
N VAL A 10 10.89 -18.14 -2.27
CA VAL A 10 10.15 -17.22 -3.12
C VAL A 10 11.12 -16.15 -3.57
N ILE A 11 11.30 -16.00 -4.88
CA ILE A 11 12.22 -15.03 -5.45
C ILE A 11 11.44 -14.07 -6.32
N PRO A 12 11.18 -12.85 -5.88
CA PRO A 12 10.54 -11.85 -6.74
C PRO A 12 11.56 -11.21 -7.66
N THR A 13 11.18 -11.05 -8.93
CA THR A 13 12.10 -10.52 -9.92
C THR A 13 11.41 -9.55 -10.87
N PHE A 14 12.12 -8.48 -11.22
CA PHE A 14 11.77 -7.65 -12.35
C PHE A 14 13.06 -7.06 -12.89
N LYS A 15 13.37 -7.38 -14.15
CA LYS A 15 14.58 -6.89 -14.81
C LYS A 15 15.84 -7.25 -14.02
N ALA A 16 15.97 -8.53 -13.69
CA ALA A 16 17.04 -8.99 -12.82
C ALA A 16 18.11 -9.78 -13.56
N GLU A 17 18.26 -9.53 -14.86
CA GLU A 17 19.17 -10.36 -15.65
C GLU A 17 20.60 -10.31 -15.14
N LYS A 18 20.99 -9.23 -14.46
CA LYS A 18 22.39 -9.09 -14.08
C LYS A 18 22.77 -10.03 -12.95
N THR A 19 21.84 -10.34 -12.05
CA THR A 19 22.18 -11.07 -10.83
C THR A 19 21.34 -12.31 -10.59
N VAL A 20 20.27 -12.55 -11.35
CA VAL A 20 19.37 -13.64 -10.99
C VAL A 20 20.10 -14.98 -11.08
N GLY A 21 21.10 -15.07 -11.95
CA GLY A 21 21.88 -16.31 -12.01
C GLY A 21 22.58 -16.62 -10.70
N GLN A 22 23.34 -15.64 -10.20
CA GLN A 22 24.01 -15.81 -8.91
C GLN A 22 23.03 -16.13 -7.81
N CYS A 23 21.86 -15.51 -7.84
CA CYS A 23 20.83 -15.78 -6.83
C CYS A 23 20.41 -17.23 -6.86
N LEU A 24 20.00 -17.72 -8.04
CA LEU A 24 19.53 -19.10 -8.13
C LEU A 24 20.64 -20.12 -7.88
N GLU A 25 21.88 -19.82 -8.26
CA GLU A 25 22.97 -20.75 -7.94
C GLU A 25 23.13 -20.90 -6.45
N SER A 26 22.86 -19.84 -5.68
CA SER A 26 22.93 -19.92 -4.23
C SER A 26 21.80 -20.75 -3.65
N VAL A 27 20.72 -20.96 -4.41
CA VAL A 27 19.62 -21.80 -3.92
C VAL A 27 19.78 -23.23 -4.40
N LEU A 28 20.10 -23.44 -5.68
CA LEU A 28 20.16 -24.79 -6.20
C LEU A 28 21.30 -25.59 -5.60
N SER A 29 22.36 -24.92 -5.17
CA SER A 29 23.54 -25.60 -4.64
C SER A 29 23.39 -26.02 -3.18
N GLN A 30 22.28 -25.65 -2.55
CA GLN A 30 22.07 -25.97 -1.14
C GLN A 30 21.88 -27.48 -0.98
N GLN A 31 22.75 -28.10 -0.19
CA GLN A 31 22.75 -29.53 0.02
C GLN A 31 21.92 -29.90 1.25
N GLY A 32 21.44 -31.14 1.26
CA GLY A 32 20.78 -31.70 2.41
C GLY A 32 19.32 -31.32 2.60
N VAL A 33 18.68 -30.75 1.57
CA VAL A 33 17.29 -30.33 1.67
C VAL A 33 16.62 -30.59 0.33
N SER A 34 15.32 -30.83 0.36
CA SER A 34 14.49 -30.76 -0.83
C SER A 34 13.91 -29.35 -0.88
N THR A 35 14.15 -28.65 -1.98
CA THR A 35 13.82 -27.23 -2.09
C THR A 35 12.90 -27.01 -3.27
N GLU A 36 11.81 -26.28 -3.03
CA GLU A 36 10.95 -25.74 -4.07
C GLU A 36 11.34 -24.29 -4.29
N ILE A 37 11.39 -23.87 -5.56
CA ILE A 37 11.72 -22.50 -5.92
C ILE A 37 10.54 -21.92 -6.68
N ILE A 38 10.04 -20.78 -6.22
CA ILE A 38 8.96 -20.06 -6.90
C ILE A 38 9.46 -18.67 -7.26
N VAL A 39 9.77 -18.47 -8.54
CA VAL A 39 10.18 -17.17 -9.06
C VAL A 39 8.94 -16.41 -9.48
N VAL A 40 8.68 -15.26 -8.85
CA VAL A 40 7.53 -14.44 -9.18
C VAL A 40 8.05 -13.22 -9.94
N ASP A 41 8.01 -13.29 -11.27
CA ASP A 41 8.51 -12.24 -12.14
C ASP A 41 7.37 -11.31 -12.55
N GLY A 42 7.63 -10.00 -12.47
CA GLY A 42 6.61 -9.03 -12.77
C GLY A 42 6.53 -8.61 -14.22
N GLY A 43 7.00 -9.48 -15.11
CA GLY A 43 6.94 -9.21 -16.53
C GLY A 43 8.23 -8.66 -17.10
N SER A 44 9.36 -9.25 -16.73
CA SER A 44 10.65 -8.73 -17.16
C SER A 44 10.78 -8.84 -18.68
N PRO A 45 11.24 -7.79 -19.37
CA PRO A 45 11.51 -7.88 -20.81
C PRO A 45 12.96 -8.20 -21.17
N ASP A 46 13.84 -8.37 -20.18
CA ASP A 46 15.25 -8.65 -20.44
C ASP A 46 15.49 -10.15 -20.44
N ALA A 47 16.66 -10.59 -20.00
CA ALA A 47 17.04 -12.00 -20.09
C ALA A 47 16.58 -12.81 -18.88
N THR A 48 15.86 -12.21 -17.95
CA THR A 48 15.53 -12.86 -16.68
C THR A 48 14.87 -14.22 -16.90
N ILE A 49 13.81 -14.27 -17.70
CA ILE A 49 13.08 -15.51 -17.89
C ILE A 49 13.98 -16.59 -18.47
N SER A 50 14.85 -16.22 -19.42
CA SER A 50 15.73 -17.22 -20.03
C SER A 50 16.74 -17.75 -19.01
N ILE A 51 17.33 -16.85 -18.22
CA ILE A 51 18.32 -17.27 -17.23
C ILE A 51 17.69 -18.18 -16.20
N VAL A 52 16.51 -17.79 -15.68
CA VAL A 52 15.81 -18.65 -14.73
C VAL A 52 15.57 -20.02 -15.34
N GLN A 53 15.17 -20.06 -16.60
CA GLN A 53 14.94 -21.34 -17.27
C GLN A 53 16.21 -22.14 -17.47
N SER A 54 17.38 -21.51 -17.41
CA SER A 54 18.63 -22.23 -17.59
C SER A 54 19.00 -23.08 -16.39
N PHE A 55 18.27 -22.97 -15.29
CA PHE A 55 18.54 -23.77 -14.10
C PHE A 55 17.66 -25.00 -14.08
N SER A 56 18.06 -25.98 -13.27
CA SER A 56 17.23 -27.15 -13.01
C SER A 56 15.82 -26.72 -12.67
N SER A 57 14.86 -27.17 -13.48
CA SER A 57 13.46 -26.79 -13.35
C SER A 57 12.62 -27.81 -12.60
N THR A 58 13.24 -28.88 -12.09
CA THR A 58 12.49 -29.93 -11.43
C THR A 58 11.50 -29.35 -10.43
N ASN A 59 12.00 -28.58 -9.47
CA ASN A 59 11.19 -28.00 -8.41
C ASN A 59 11.14 -26.48 -8.52
N LEU A 60 11.07 -25.98 -9.74
CA LEU A 60 11.09 -24.55 -10.00
C LEU A 60 9.85 -24.16 -10.77
N THR A 61 9.08 -23.24 -10.19
CA THR A 61 7.90 -22.66 -10.81
C THR A 61 8.19 -21.23 -11.19
N ILE A 62 7.78 -20.83 -12.39
CA ILE A 62 7.92 -19.47 -12.86
C ILE A 62 6.53 -18.86 -13.00
N ILE A 63 6.26 -17.81 -12.22
CA ILE A 63 5.14 -16.90 -12.45
C ILE A 63 5.71 -15.68 -13.15
N SER A 64 5.08 -15.29 -14.26
CA SER A 64 5.51 -14.10 -15.00
C SER A 64 4.25 -13.36 -15.43
N GLU A 65 3.91 -12.30 -14.70
CA GLU A 65 2.70 -11.53 -14.94
C GLU A 65 2.83 -10.22 -14.19
N PRO A 66 2.11 -9.18 -14.61
CA PRO A 66 2.19 -7.90 -13.89
C PRO A 66 1.77 -8.09 -12.44
N ASP A 67 2.36 -7.28 -11.56
CA ASP A 67 1.92 -7.25 -10.18
C ASP A 67 2.04 -5.83 -9.64
N ARG A 68 1.63 -5.66 -8.39
CA ARG A 68 1.58 -4.36 -7.74
C ARG A 68 2.81 -4.05 -6.93
N GLY A 69 3.91 -4.77 -7.15
CA GLY A 69 5.18 -4.47 -6.53
C GLY A 69 5.77 -5.69 -5.85
N ILE A 70 6.90 -5.45 -5.20
CA ILE A 70 7.67 -6.55 -4.62
C ILE A 70 6.82 -7.39 -3.68
N TYR A 71 6.07 -6.73 -2.79
CA TYR A 71 5.36 -7.49 -1.76
C TYR A 71 4.13 -8.19 -2.31
N ASP A 72 3.55 -7.65 -3.38
CA ASP A 72 2.51 -8.37 -4.11
C ASP A 72 3.07 -9.67 -4.70
N ALA A 73 4.25 -9.57 -5.34
CA ALA A 73 4.89 -10.76 -5.90
C ALA A 73 5.22 -11.76 -4.81
N ILE A 74 5.74 -11.28 -3.67
CA ILE A 74 6.03 -12.17 -2.55
C ILE A 74 4.74 -12.86 -2.09
N ASN A 75 3.64 -12.12 -2.01
CA ASN A 75 2.40 -12.73 -1.54
C ASN A 75 1.95 -13.85 -2.47
N LYS A 76 2.07 -13.66 -3.78
CA LYS A 76 1.70 -14.69 -4.73
C LYS A 76 2.54 -15.96 -4.52
N GLY A 77 3.84 -15.78 -4.26
CA GLY A 77 4.70 -16.94 -4.07
C GLY A 77 4.41 -17.63 -2.76
N VAL A 78 4.28 -16.86 -1.67
CA VAL A 78 3.95 -17.46 -0.38
C VAL A 78 2.65 -18.25 -0.48
N SER A 79 1.67 -17.73 -1.22
CA SER A 79 0.37 -18.40 -1.32
C SER A 79 0.49 -19.76 -2.02
N ARG A 80 1.46 -19.90 -2.91
CA ARG A 80 1.64 -21.15 -3.64
C ARG A 80 2.64 -22.08 -2.98
N ALA A 81 3.30 -21.64 -1.93
CA ALA A 81 4.41 -22.39 -1.36
C ALA A 81 3.93 -23.71 -0.75
N GLN A 82 4.67 -24.78 -1.02
CA GLN A 82 4.40 -26.07 -0.43
C GLN A 82 5.47 -26.52 0.56
N GLY A 83 6.47 -25.68 0.85
CA GLY A 83 7.53 -26.10 1.73
C GLY A 83 7.20 -25.92 3.20
N GLY A 84 7.91 -26.68 4.02
CA GLY A 84 7.73 -26.57 5.46
C GLY A 84 8.16 -25.23 6.03
N MET A 85 9.21 -24.64 5.48
CA MET A 85 9.65 -23.30 5.83
C MET A 85 9.80 -22.50 4.55
N ILE A 86 9.37 -21.24 4.61
CA ILE A 86 9.27 -20.38 3.42
C ILE A 86 10.24 -19.24 3.59
N GLY A 87 11.16 -19.11 2.63
CA GLY A 87 12.06 -17.98 2.62
C GLY A 87 11.85 -17.10 1.42
N VAL A 88 12.33 -15.87 1.50
CA VAL A 88 12.25 -14.89 0.42
C VAL A 88 13.66 -14.42 0.13
N LEU A 89 14.07 -14.52 -1.12
CA LEU A 89 15.42 -14.13 -1.54
C LEU A 89 15.28 -13.18 -2.72
N GLY A 90 15.84 -11.98 -2.59
CA GLY A 90 15.90 -11.07 -3.70
C GLY A 90 16.94 -11.48 -4.72
N ALA A 91 16.80 -10.98 -5.94
CA ALA A 91 17.68 -11.41 -7.02
C ALA A 91 19.11 -10.89 -6.86
N ASP A 92 19.30 -9.84 -6.07
CA ASP A 92 20.61 -9.30 -5.75
C ASP A 92 21.18 -9.92 -4.48
N ASP A 93 20.49 -10.91 -3.89
CA ASP A 93 20.90 -11.57 -2.67
C ASP A 93 21.45 -12.96 -2.99
N VAL A 94 22.16 -13.54 -2.01
CA VAL A 94 22.55 -14.94 -2.07
C VAL A 94 22.42 -15.55 -0.67
N TYR A 95 21.98 -16.80 -0.62
CA TYR A 95 22.13 -17.59 0.59
C TYR A 95 23.56 -18.09 0.71
N LYS A 96 24.05 -18.18 1.94
CA LYS A 96 25.37 -18.74 2.18
C LYS A 96 25.30 -20.27 2.18
N PRO A 97 26.42 -20.94 1.93
CA PRO A 97 26.40 -22.41 1.89
C PRO A 97 25.82 -23.00 3.17
N ASN A 98 25.06 -24.08 3.00
CA ASN A 98 24.51 -24.91 4.07
C ASN A 98 23.39 -24.24 4.83
N VAL A 99 22.98 -23.03 4.43
CA VAL A 99 21.98 -22.29 5.20
C VAL A 99 20.65 -23.04 5.23
N LEU A 100 20.22 -23.57 4.08
CA LEU A 100 18.90 -24.20 4.05
C LEU A 100 18.86 -25.43 4.96
N SER A 101 19.94 -26.22 5.00
CA SER A 101 19.98 -27.35 5.93
C SER A 101 19.96 -26.85 7.36
N VAL A 102 20.66 -25.76 7.64
CA VAL A 102 20.63 -25.18 8.98
C VAL A 102 19.22 -24.75 9.36
N VAL A 103 18.47 -24.19 8.41
CA VAL A 103 17.07 -23.85 8.67
C VAL A 103 16.28 -25.11 8.98
N LYS A 104 16.43 -26.15 8.16
CA LYS A 104 15.69 -27.38 8.40
C LYS A 104 15.98 -27.93 9.79
N GLU A 105 17.26 -28.03 10.16
CA GLU A 105 17.64 -28.56 11.46
C GLU A 105 17.02 -27.74 12.59
N ASN A 106 17.14 -26.42 12.51
CA ASN A 106 16.65 -25.55 13.58
C ASN A 106 15.12 -25.47 13.64
N ALA A 107 14.43 -25.92 12.59
CA ALA A 107 12.98 -25.94 12.59
C ALA A 107 12.41 -27.29 13.04
N SER A 108 13.27 -28.25 13.37
CA SER A 108 12.81 -29.63 13.54
C SER A 108 11.94 -29.81 14.78
N ARG A 109 11.97 -28.87 15.72
CA ARG A 109 11.13 -28.94 16.90
C ARG A 109 9.82 -28.18 16.74
N GLY A 110 9.57 -27.59 15.58
CA GLY A 110 8.31 -26.94 15.31
C GLY A 110 8.30 -25.43 15.43
N VAL A 111 9.46 -24.80 15.61
CA VAL A 111 9.47 -23.35 15.70
C VAL A 111 8.89 -22.79 14.39
N GLU A 112 8.23 -21.64 14.50
CA GLU A 112 7.47 -21.11 13.38
C GLU A 112 8.26 -20.15 12.53
N ILE A 113 9.25 -19.47 13.12
CA ILE A 113 10.15 -18.60 12.40
C ILE A 113 11.56 -19.04 12.75
N VAL A 114 12.41 -19.19 11.73
CA VAL A 114 13.85 -19.34 11.89
C VAL A 114 14.50 -18.19 11.15
N ALA A 115 15.28 -17.38 11.86
CA ALA A 115 15.93 -16.21 11.29
C ALA A 115 17.43 -16.28 11.55
N GLY A 116 18.19 -15.77 10.61
CA GLY A 116 19.63 -15.74 10.75
C GLY A 116 20.17 -14.34 10.61
N LEU A 117 21.50 -14.20 10.56
CA LEU A 117 22.10 -12.89 10.40
C LEU A 117 22.17 -12.52 8.91
N THR A 118 22.44 -11.24 8.68
CA THR A 118 22.54 -10.69 7.33
C THR A 118 23.87 -9.94 7.19
N LEU A 119 24.57 -10.17 6.09
CA LEU A 119 25.84 -9.50 5.82
C LEU A 119 25.56 -8.43 4.76
N ILE A 120 25.88 -7.18 5.08
CA ILE A 120 25.57 -6.05 4.23
C ILE A 120 26.86 -5.26 4.01
N ASP A 121 27.36 -5.26 2.78
CA ASP A 121 28.60 -4.58 2.43
C ASP A 121 29.73 -4.98 3.39
N GLY A 122 29.76 -6.27 3.74
CA GLY A 122 30.83 -6.79 4.55
C GLY A 122 30.69 -6.55 6.03
N GLN A 123 29.54 -6.10 6.50
CA GLN A 123 29.29 -5.87 7.90
C GLN A 123 27.99 -6.56 8.29
N LEU A 124 27.92 -7.02 9.53
CA LEU A 124 26.71 -7.66 10.00
C LEU A 124 25.61 -6.63 10.20
N ARG A 125 24.42 -6.94 9.71
CA ARG A 125 23.25 -6.13 10.05
C ARG A 125 23.12 -6.04 11.56
N ALA A 126 22.79 -4.85 12.05
CA ALA A 126 22.69 -4.61 13.50
C ALA A 126 21.31 -5.06 13.94
N ASP A 127 21.19 -6.35 14.25
CA ASP A 127 19.87 -6.90 14.51
C ASP A 127 19.41 -6.60 15.94
N GLU A 128 18.10 -6.67 16.13
CA GLU A 128 17.48 -6.55 17.43
C GLU A 128 16.77 -7.85 17.78
N GLN A 129 16.45 -8.01 19.05
CA GLN A 129 15.75 -9.21 19.48
C GLN A 129 14.30 -9.19 19.00
N TYR A 130 13.79 -10.38 18.71
CA TYR A 130 12.38 -10.64 18.41
C TYR A 130 11.65 -10.70 19.75
N ARG A 131 10.96 -9.62 20.09
CA ARG A 131 10.34 -9.39 21.38
C ARG A 131 9.52 -8.11 21.29
N PRO A 132 8.70 -7.80 22.29
CA PRO A 132 7.89 -6.57 22.21
C PRO A 132 8.70 -5.31 21.88
N ALA A 133 9.92 -5.19 22.40
CA ALA A 133 10.72 -4.01 22.12
C ALA A 133 10.92 -3.76 20.63
N ALA A 134 10.77 -4.79 19.79
CA ALA A 134 10.86 -4.55 18.35
C ALA A 134 9.69 -3.72 17.83
N LEU A 135 8.58 -3.70 18.55
CA LEU A 135 7.37 -3.01 18.11
C LEU A 135 7.49 -1.50 18.14
N ILE A 136 8.56 -0.95 18.71
CA ILE A 136 8.76 0.50 18.63
C ILE A 136 9.97 0.74 17.73
N SER A 137 10.23 -0.20 16.84
CA SER A 137 11.41 -0.15 15.98
C SER A 137 11.03 -0.66 14.59
N GLY A 138 12.02 -1.06 13.80
CA GLY A 138 11.80 -1.69 12.52
C GLY A 138 11.77 -3.20 12.60
N ILE A 139 12.10 -3.84 11.49
CA ILE A 139 12.18 -5.30 11.48
C ILE A 139 13.42 -5.74 12.26
N PRO A 140 13.30 -6.69 13.19
CA PRO A 140 14.46 -6.99 14.06
C PRO A 140 15.57 -7.75 13.39
N PHE A 141 15.28 -8.47 12.30
CA PHE A 141 16.28 -9.20 11.53
C PHE A 141 16.02 -8.89 10.06
N GLY A 142 17.03 -9.15 9.23
CA GLY A 142 16.86 -9.02 7.80
C GLY A 142 15.75 -9.91 7.29
N HIS A 143 14.86 -9.34 6.47
CA HIS A 143 13.73 -10.12 5.97
C HIS A 143 14.17 -11.28 5.08
N ASN A 144 15.26 -11.11 4.34
CA ASN A 144 15.74 -12.19 3.51
C ASN A 144 16.47 -13.26 4.31
N ALA A 145 16.82 -12.99 5.56
CA ALA A 145 17.37 -14.00 6.44
C ALA A 145 16.30 -14.68 7.28
N MET A 146 15.03 -14.44 6.99
CA MET A 146 13.91 -14.98 7.74
C MET A 146 13.27 -16.12 6.96
N PHE A 147 12.94 -17.20 7.66
CA PHE A 147 12.19 -18.33 7.15
C PHE A 147 10.99 -18.55 8.06
N ALA A 148 9.81 -18.75 7.47
CA ALA A 148 8.57 -18.83 8.22
C ALA A 148 7.76 -20.04 7.74
N SER A 149 7.15 -20.73 8.69
CA SER A 149 6.42 -21.94 8.37
C SER A 149 5.08 -21.60 7.71
N GLN A 150 4.48 -22.62 7.10
CA GLN A 150 3.13 -22.49 6.59
C GLN A 150 2.18 -21.95 7.64
N GLU A 151 2.28 -22.46 8.87
CA GLU A 151 1.36 -22.03 9.92
C GLU A 151 1.64 -20.58 10.32
N ALA A 152 2.90 -20.16 10.33
CA ALA A 152 3.20 -18.76 10.60
C ALA A 152 2.47 -17.85 9.63
N TYR A 153 2.55 -18.16 8.33
CA TYR A 153 1.86 -17.32 7.35
C TYR A 153 0.35 -17.45 7.45
N ARG A 154 -0.15 -18.67 7.70
CA ARG A 154 -1.59 -18.81 7.86
C ARG A 154 -2.10 -17.95 9.00
N LYS A 155 -1.35 -17.90 10.10
CA LYS A 155 -1.83 -17.18 11.29
C LYS A 155 -1.58 -15.68 11.19
N VAL A 156 -0.46 -15.27 10.60
CA VAL A 156 -0.17 -13.84 10.48
C VAL A 156 -0.91 -13.25 9.29
N GLY A 157 -0.91 -13.95 8.17
CA GLY A 157 -1.48 -13.42 6.94
C GLY A 157 -0.40 -12.96 5.98
N LEU A 158 -0.82 -12.17 5.01
CA LEU A 158 0.09 -11.77 3.94
C LEU A 158 0.65 -10.38 4.21
N TYR A 159 1.58 -9.96 3.35
CA TYR A 159 2.23 -8.68 3.49
C TYR A 159 1.30 -7.56 3.07
N ASP A 160 1.34 -6.46 3.80
CA ASP A 160 0.40 -5.35 3.60
C ASP A 160 0.93 -4.47 2.50
N LEU A 161 0.24 -4.47 1.36
CA LEU A 161 0.72 -3.75 0.19
C LEU A 161 0.70 -2.24 0.37
N ALA A 162 0.03 -1.71 1.39
CA ALA A 162 0.04 -0.27 1.62
C ALA A 162 1.45 0.22 1.94
N TYR A 163 2.27 -0.65 2.50
CA TYR A 163 3.65 -0.34 2.85
C TYR A 163 4.53 -0.86 1.74
N ARG A 164 5.07 0.04 0.93
CA ARG A 164 5.91 -0.38 -0.19
C ARG A 164 7.37 -0.55 0.21
N ILE A 165 7.76 -0.10 1.39
CA ILE A 165 9.10 -0.28 1.91
C ILE A 165 9.11 -1.22 3.11
N CYS A 166 8.24 -0.95 4.10
CA CYS A 166 8.35 -1.56 5.41
C CYS A 166 7.29 -2.63 5.66
N ALA A 167 6.74 -3.22 4.60
CA ALA A 167 5.78 -4.30 4.78
C ALA A 167 6.41 -5.49 5.48
N ASP A 168 7.73 -5.70 5.31
CA ASP A 168 8.39 -6.80 6.01
C ASP A 168 8.37 -6.57 7.51
N ALA A 169 8.71 -5.35 7.94
CA ALA A 169 8.64 -5.03 9.36
C ALA A 169 7.24 -5.18 9.91
N GLU A 170 6.23 -4.70 9.16
CA GLU A 170 4.86 -4.77 9.66
C GLU A 170 4.40 -6.22 9.83
N TRP A 171 4.83 -7.09 8.92
CA TRP A 171 4.51 -8.51 9.04
C TRP A 171 5.16 -9.11 10.28
N VAL A 172 6.45 -8.81 10.50
CA VAL A 172 7.13 -9.39 11.65
C VAL A 172 6.50 -8.87 12.95
N HIS A 173 6.16 -7.57 13.00
CA HIS A 173 5.48 -7.04 14.17
C HIS A 173 4.15 -7.75 14.41
N ARG A 174 3.41 -8.04 13.35
CA ARG A 174 2.19 -8.82 13.51
C ARG A 174 2.49 -10.20 14.05
N ALA A 175 3.58 -10.81 13.59
CA ALA A 175 4.00 -12.10 14.14
C ALA A 175 4.27 -11.99 15.64
N ILE A 176 5.02 -10.97 16.05
CA ILE A 176 5.31 -10.77 17.46
C ILE A 176 4.03 -10.61 18.26
N LYS A 177 3.10 -9.80 17.75
CA LYS A 177 1.86 -9.55 18.47
C LYS A 177 0.97 -10.79 18.51
N SER A 178 1.14 -11.70 17.54
CA SER A 178 0.42 -12.96 17.51
C SER A 178 1.13 -14.06 18.27
N ASP A 179 2.27 -13.75 18.91
CA ASP A 179 3.06 -14.73 19.66
C ASP A 179 3.49 -15.89 18.77
N ILE A 180 3.86 -15.58 17.52
CA ILE A 180 4.53 -16.55 16.68
C ILE A 180 5.89 -16.88 17.27
N SER A 181 6.20 -18.17 17.35
CA SER A 181 7.49 -18.56 17.92
C SER A 181 8.62 -18.27 16.95
N CYS A 182 9.79 -17.97 17.49
CA CYS A 182 10.94 -17.59 16.68
C CYS A 182 12.23 -18.09 17.31
N ARG A 183 13.13 -18.58 16.47
CA ARG A 183 14.47 -18.96 16.89
C ARG A 183 15.45 -18.20 16.00
N LYS A 184 16.35 -17.44 16.64
CA LYS A 184 17.39 -16.70 15.95
C LYS A 184 18.67 -17.51 15.96
N VAL A 185 19.28 -17.68 14.78
CA VAL A 185 20.51 -18.43 14.60
C VAL A 185 21.63 -17.43 14.31
N GLU A 186 22.70 -17.50 15.10
CA GLU A 186 23.81 -16.55 14.98
C GLU A 186 24.77 -16.98 13.87
N GLN A 187 24.20 -17.06 12.66
CA GLN A 187 24.94 -17.35 11.44
C GLN A 187 24.43 -16.47 10.32
N VAL A 188 25.33 -16.04 9.44
CA VAL A 188 24.94 -15.29 8.26
C VAL A 188 24.15 -16.23 7.34
N PHE A 189 22.87 -15.89 7.11
CA PHE A 189 22.04 -16.61 6.15
C PHE A 189 22.13 -16.01 4.75
N VAL A 190 22.24 -14.68 4.67
CA VAL A 190 22.16 -13.99 3.39
C VAL A 190 23.19 -12.88 3.36
N GLU A 191 23.78 -12.68 2.18
CA GLU A 191 24.70 -11.58 1.91
C GLU A 191 24.13 -10.72 0.78
N PHE A 192 24.29 -9.40 0.92
CA PHE A 192 24.19 -8.51 -0.22
C PHE A 192 24.91 -7.20 0.04
N ASN A 201 14.56 7.47 -0.58
CA ASN A 201 14.23 8.69 0.15
C ASN A 201 14.04 8.40 1.63
N PRO A 202 15.09 8.62 2.43
CA PRO A 202 14.95 8.48 3.89
C PRO A 202 13.62 8.97 4.45
N GLU A 203 13.11 10.10 3.96
CA GLU A 203 11.85 10.63 4.48
C GLU A 203 10.71 9.65 4.23
N GLU A 204 10.71 8.98 3.07
CA GLU A 204 9.71 7.96 2.80
C GLU A 204 9.91 6.74 3.69
N ILE A 205 11.16 6.30 3.87
CA ILE A 205 11.42 5.16 4.74
C ILE A 205 10.99 5.48 6.16
N ILE A 206 11.31 6.69 6.65
CA ILE A 206 10.97 7.07 8.01
C ILE A 206 9.47 7.18 8.18
N ALA A 207 8.77 7.70 7.16
CA ALA A 207 7.32 7.81 7.25
C ALA A 207 6.68 6.44 7.39
N GLU A 208 7.12 5.46 6.59
CA GLU A 208 6.55 4.12 6.70
C GLU A 208 6.91 3.48 8.03
N ALA A 209 8.16 3.64 8.48
CA ALA A 209 8.56 3.04 9.75
C ALA A 209 7.76 3.62 10.90
N CYS A 210 7.54 4.94 10.92
CA CYS A 210 6.70 5.52 11.95
C CYS A 210 5.28 4.97 11.86
N SER A 211 4.74 4.87 10.64
CA SER A 211 3.39 4.36 10.44
C SER A 211 3.25 2.93 10.96
N VAL A 212 4.27 2.11 10.72
CA VAL A 212 4.26 0.72 11.17
C VAL A 212 4.22 0.67 12.69
N ILE A 213 5.00 1.52 13.35
CA ILE A 213 5.01 1.57 14.80
C ILE A 213 3.65 2.03 15.33
N GLN A 214 3.03 2.98 14.63
CA GLN A 214 1.73 3.46 15.06
C GLN A 214 0.63 2.42 14.89
N ARG A 215 0.83 1.49 13.96
CA ARG A 215 -0.12 0.39 13.81
C ARG A 215 -0.04 -0.57 14.98
N ASN A 216 1.09 -0.59 15.70
CA ASN A 216 1.11 -1.33 16.95
C ASN A 216 0.52 -0.49 18.08
N PHE A 217 0.81 0.81 18.08
CA PHE A 217 0.46 1.70 19.19
C PHE A 217 -0.24 2.92 18.59
N PRO A 218 -1.54 2.80 18.30
CA PRO A 218 -2.25 3.87 17.58
C PRO A 218 -2.35 5.17 18.34
N PHE A 219 -2.08 5.17 19.65
CA PHE A 219 -2.15 6.39 20.44
C PHE A 219 -0.97 7.32 20.19
N LEU A 220 0.10 6.80 19.59
CA LEU A 220 1.28 7.61 19.37
C LEU A 220 1.08 8.60 18.23
N LEU A 221 1.57 9.83 18.43
CA LEU A 221 1.79 10.74 17.33
C LEU A 221 2.98 10.26 16.49
N LYS A 222 3.00 10.67 15.22
CA LYS A 222 4.09 10.29 14.33
C LYS A 222 5.44 10.69 14.92
N GLU A 223 5.54 11.91 15.45
CA GLU A 223 6.79 12.38 16.02
C GLU A 223 7.21 11.52 17.21
N GLU A 224 6.24 11.04 17.99
CA GLU A 224 6.56 10.19 19.14
C GLU A 224 6.97 8.79 18.70
N ALA A 225 6.38 8.27 17.62
CA ALA A 225 6.90 7.04 17.03
C ALA A 225 8.32 7.24 16.54
N LYS A 226 8.58 8.38 15.91
CA LYS A 226 9.93 8.68 15.42
C LYS A 226 10.93 8.75 16.57
N TYR A 227 10.55 9.40 17.67
CA TYR A 227 11.45 9.52 18.81
C TYR A 227 11.79 8.15 19.38
N LEU A 228 10.79 7.28 19.53
CA LEU A 228 11.04 5.93 20.01
C LEU A 228 11.96 5.18 19.06
N LEU A 229 11.67 5.25 17.76
CA LEU A 229 12.49 4.55 16.77
C LEU A 229 13.93 5.00 16.84
N TYR A 230 14.17 6.32 16.79
CA TYR A 230 15.54 6.81 16.85
C TYR A 230 16.17 6.46 18.19
N GLY A 231 15.37 6.39 19.25
CA GLY A 231 15.90 6.06 20.56
C GLY A 231 16.45 4.64 20.60
N VAL A 232 15.65 3.66 20.16
CA VAL A 232 16.11 2.28 20.24
C VAL A 232 17.30 2.06 19.31
N ARG A 233 17.27 2.64 18.13
CA ARG A 233 18.33 2.45 17.15
C ARG A 233 19.59 3.24 17.49
N GLY A 234 19.56 4.07 18.52
CA GLY A 234 20.72 4.86 18.89
C GLY A 234 20.96 6.07 18.05
N TRP A 235 19.98 6.49 17.25
CA TRP A 235 20.08 7.65 16.39
C TRP A 235 19.68 8.94 17.09
N GLY A 236 18.96 8.85 18.20
CA GLY A 236 18.50 10.02 18.90
C GLY A 236 18.57 9.80 20.39
N GLU A 237 18.40 10.89 21.13
CA GLU A 237 18.47 10.85 22.59
C GLU A 237 17.20 10.22 23.16
N THR A 238 17.22 10.01 24.48
CA THR A 238 16.17 9.23 25.15
C THR A 238 15.59 9.92 26.38
N SER A 239 15.90 11.19 26.61
CA SER A 239 15.46 11.83 27.85
C SER A 239 13.96 12.02 27.94
N ARG A 240 13.22 11.88 26.83
CA ARG A 240 11.78 11.99 26.83
C ARG A 240 11.09 10.63 26.91
N ILE A 241 11.85 9.55 26.98
CA ILE A 241 11.26 8.21 27.02
C ILE A 241 10.36 8.06 28.24
N GLU A 242 10.85 8.48 29.41
CA GLU A 242 10.02 8.37 30.61
C GLU A 242 8.74 9.17 30.46
N GLN A 243 8.82 10.37 29.87
CA GLN A 243 7.63 11.18 29.63
C GLN A 243 6.63 10.43 28.76
N ILE A 244 7.11 9.86 27.66
CA ILE A 244 6.22 9.11 26.77
C ILE A 244 5.60 7.93 27.51
N LEU A 245 6.40 7.25 28.34
CA LEU A 245 5.89 6.15 29.14
C LEU A 245 4.76 6.60 30.04
N ARG A 246 4.96 7.70 30.77
CA ARG A 246 3.90 8.19 31.66
C ARG A 246 2.69 8.62 30.86
N LYS A 247 2.90 9.13 29.65
CA LYS A 247 1.79 9.68 28.88
C LYS A 247 0.84 8.57 28.42
N TYR A 248 1.39 7.42 28.04
CA TYR A 248 0.62 6.38 27.39
C TYR A 248 0.65 5.05 28.11
N GLY A 249 1.40 4.92 29.20
CA GLY A 249 1.53 3.62 29.85
C GLY A 249 0.19 2.98 30.16
N HIS A 250 -0.78 3.79 30.60
CA HIS A 250 -2.11 3.28 30.89
C HIS A 250 -2.77 2.65 29.66
N GLU A 251 -2.30 2.97 28.46
CA GLU A 251 -3.01 2.47 27.28
C GLU A 251 -2.79 0.99 27.02
N SER A 252 -1.61 0.46 27.35
CA SER A 252 -1.25 -0.87 26.88
C SER A 252 -0.10 -1.43 27.68
N VAL A 253 -0.30 -2.59 28.29
CA VAL A 253 0.80 -3.27 28.97
C VAL A 253 1.86 -3.66 27.95
N LEU A 254 1.45 -4.02 26.72
CA LEU A 254 2.43 -4.34 25.69
C LEU A 254 3.38 -3.16 25.46
N PHE A 255 2.82 -1.95 25.38
CA PHE A 255 3.65 -0.76 25.18
C PHE A 255 4.59 -0.54 26.35
N VAL A 256 4.08 -0.68 27.58
CA VAL A 256 4.96 -0.61 28.74
C VAL A 256 6.06 -1.65 28.62
N THR A 257 5.68 -2.90 28.31
CA THR A 257 6.67 -3.95 28.18
C THR A 257 7.72 -3.59 27.13
N ALA A 258 7.27 -3.06 25.99
CA ALA A 258 8.19 -2.73 24.91
C ALA A 258 9.21 -1.69 25.34
N LEU A 259 8.77 -0.66 26.07
CA LEU A 259 9.69 0.39 26.47
C LEU A 259 10.66 -0.10 27.55
N GLN A 260 10.19 -0.90 28.49
CA GLN A 260 11.11 -1.35 29.53
C GLN A 260 12.12 -2.37 28.99
N GLU A 261 11.74 -3.11 27.95
CA GLU A 261 12.69 -3.98 27.25
C GLU A 261 13.70 -3.16 26.46
N ALA A 262 13.21 -2.19 25.68
CA ALA A 262 14.10 -1.38 24.85
C ALA A 262 15.02 -0.50 25.69
N PHE A 263 14.51 0.06 26.78
CA PHE A 263 15.26 0.98 27.62
C PHE A 263 15.21 0.50 29.07
N PRO A 264 16.05 -0.47 29.42
CA PRO A 264 15.93 -1.09 30.76
C PRO A 264 16.05 -0.10 31.91
N ALA A 265 16.63 1.08 31.67
CA ALA A 265 16.80 2.03 32.76
C ALA A 265 15.47 2.64 33.21
N VAL A 266 14.42 2.53 32.42
CA VAL A 266 13.14 3.13 32.81
C VAL A 266 12.33 2.12 33.62
N GLU A 267 13.01 1.09 34.14
CA GLU A 267 12.30 0.02 34.83
C GLU A 267 11.52 0.53 36.03
N THR A 268 12.11 1.41 36.84
CA THR A 268 11.39 1.88 38.03
C THR A 268 10.09 2.59 37.62
N ALA A 269 10.15 3.35 36.53
CA ALA A 269 8.94 4.00 36.03
C ALA A 269 7.98 2.99 35.41
N ALA A 270 8.51 1.99 34.70
CA ALA A 270 7.64 0.99 34.08
C ALA A 270 6.86 0.21 35.13
N ALA A 271 7.55 -0.21 36.20
CA ALA A 271 6.86 -0.92 37.27
C ALA A 271 5.72 -0.06 37.85
N LEU A 272 5.89 1.25 37.83
CA LEU A 272 4.85 2.15 38.33
C LEU A 272 3.65 2.14 37.41
N GLU A 273 3.88 2.09 36.09
CA GLU A 273 2.78 1.95 35.15
C GLU A 273 2.07 0.60 35.34
N HIS A 274 2.83 -0.49 35.34
CA HIS A 274 2.24 -1.80 35.60
C HIS A 274 1.38 -1.76 36.86
N HIS A 275 1.93 -1.22 37.94
CA HIS A 275 1.26 -1.32 39.25
C HIS A 275 -0.08 -0.61 39.25
N HIS A 276 -0.19 0.53 38.57
CA HIS A 276 -1.39 1.32 38.67
C HIS A 276 -2.45 0.93 37.65
N HIS A 277 -2.04 0.38 36.50
CA HIS A 277 -2.96 0.16 35.39
C HIS A 277 -3.04 -1.28 34.93
N HIS A 278 -1.99 -2.08 35.13
CA HIS A 278 -1.96 -3.43 34.61
C HIS A 278 -1.58 -4.46 35.68
N PHE B 5 -29.24 11.27 4.33
CA PHE B 5 -28.43 12.33 3.73
C PHE B 5 -28.37 12.20 2.21
N ASP B 6 -28.44 13.34 1.52
CA ASP B 6 -28.23 13.32 0.07
C ASP B 6 -26.78 13.06 -0.29
N ILE B 7 -25.87 13.57 0.53
CA ILE B 7 -24.45 13.61 0.19
C ILE B 7 -23.65 13.32 1.46
N THR B 8 -22.64 12.48 1.32
CA THR B 8 -21.54 12.41 2.28
C THR B 8 -20.30 12.98 1.59
N VAL B 9 -19.61 13.90 2.26
CA VAL B 9 -18.30 14.35 1.80
C VAL B 9 -17.27 13.77 2.77
N VAL B 10 -16.33 13.01 2.23
CA VAL B 10 -15.23 12.43 2.98
C VAL B 10 -14.05 13.37 2.81
N ILE B 11 -13.50 13.86 3.92
CA ILE B 11 -12.38 14.79 3.88
C ILE B 11 -11.21 14.16 4.63
N PRO B 12 -10.23 13.62 3.89
CA PRO B 12 -9.01 13.12 4.55
C PRO B 12 -8.11 14.28 4.91
N THR B 13 -7.63 14.28 6.15
CA THR B 13 -6.77 15.36 6.63
C THR B 13 -5.55 14.80 7.35
N PHE B 14 -4.41 15.46 7.14
CA PHE B 14 -3.27 15.34 8.03
C PHE B 14 -2.50 16.65 7.99
N LYS B 15 -2.45 17.35 9.13
CA LYS B 15 -1.79 18.65 9.22
C LYS B 15 -2.42 19.67 8.27
N ALA B 16 -3.75 19.80 8.35
CA ALA B 16 -4.50 20.61 7.41
C ALA B 16 -5.05 21.89 8.03
N GLU B 17 -4.40 22.39 9.09
CA GLU B 17 -4.98 23.52 9.82
C GLU B 17 -5.04 24.78 8.97
N LYS B 18 -4.17 24.91 7.97
CA LYS B 18 -4.13 26.16 7.20
C LYS B 18 -5.41 26.36 6.42
N THR B 19 -5.96 25.29 5.83
CA THR B 19 -7.01 25.42 4.84
C THR B 19 -8.27 24.61 5.12
N VAL B 20 -8.29 23.80 6.18
CA VAL B 20 -9.44 22.93 6.40
C VAL B 20 -10.68 23.75 6.70
N GLY B 21 -10.53 24.95 7.29
CA GLY B 21 -11.68 25.82 7.46
C GLY B 21 -12.36 26.15 6.16
N GLN B 22 -11.58 26.63 5.19
CA GLN B 22 -12.13 26.95 3.87
C GLN B 22 -12.75 25.73 3.21
N CYS B 23 -12.09 24.59 3.33
CA CYS B 23 -12.65 23.34 2.83
C CYS B 23 -14.05 23.10 3.38
N LEU B 24 -14.18 23.10 4.70
CA LEU B 24 -15.47 22.81 5.31
C LEU B 24 -16.52 23.83 4.92
N GLU B 25 -16.13 25.10 4.81
CA GLU B 25 -17.08 26.16 4.48
C GLU B 25 -17.63 25.98 3.07
N SER B 26 -16.81 25.49 2.15
CA SER B 26 -17.31 25.25 0.80
C SER B 26 -18.29 24.08 0.74
N VAL B 27 -18.28 23.21 1.75
CA VAL B 27 -19.28 22.16 1.82
C VAL B 27 -20.52 22.65 2.56
N LEU B 28 -20.34 23.34 3.69
CA LEU B 28 -21.47 23.68 4.54
C LEU B 28 -22.35 24.77 3.95
N SER B 29 -21.84 25.55 3.00
CA SER B 29 -22.66 26.54 2.31
C SER B 29 -23.39 25.97 1.09
N GLN B 30 -23.23 24.68 0.80
CA GLN B 30 -23.95 24.07 -0.30
C GLN B 30 -25.44 24.03 0.01
N GLN B 31 -26.24 24.67 -0.83
CA GLN B 31 -27.68 24.74 -0.63
C GLN B 31 -28.42 23.63 -1.36
N GLY B 32 -29.62 23.34 -0.87
CA GLY B 32 -30.53 22.43 -1.56
C GLY B 32 -30.34 20.97 -1.25
N VAL B 33 -29.45 20.60 -0.33
CA VAL B 33 -29.16 19.20 -0.04
C VAL B 33 -28.99 19.00 1.46
N SER B 34 -29.22 17.75 1.88
CA SER B 34 -28.82 17.27 3.19
CA SER B 34 -28.82 17.28 3.19
C SER B 34 -27.44 16.64 3.06
N THR B 35 -26.50 17.09 3.88
CA THR B 35 -25.10 16.71 3.72
C THR B 35 -24.53 16.21 5.04
N GLU B 36 -23.80 15.09 4.96
CA GLU B 36 -23.00 14.59 6.06
C GLU B 36 -21.53 14.82 5.72
N ILE B 37 -20.73 15.16 6.72
CA ILE B 37 -19.30 15.33 6.56
C ILE B 37 -18.61 14.31 7.45
N ILE B 38 -17.68 13.57 6.89
CA ILE B 38 -16.83 12.65 7.64
C ILE B 38 -15.40 13.10 7.40
N VAL B 39 -14.78 13.70 8.41
CA VAL B 39 -13.37 14.05 8.36
C VAL B 39 -12.59 12.85 8.89
N VAL B 40 -11.66 12.34 8.07
CA VAL B 40 -10.82 11.22 8.47
C VAL B 40 -9.40 11.75 8.64
N ASP B 41 -9.04 12.10 9.88
CA ASP B 41 -7.74 12.68 10.20
C ASP B 41 -6.78 11.56 10.59
N GLY B 42 -5.52 11.73 10.19
CA GLY B 42 -4.53 10.70 10.43
C GLY B 42 -3.71 10.90 11.69
N GLY B 43 -4.25 11.69 12.62
CA GLY B 43 -3.58 11.95 13.88
C GLY B 43 -2.75 13.22 13.86
N SER B 44 -3.35 14.31 13.41
CA SER B 44 -2.61 15.54 13.18
C SER B 44 -2.13 16.14 14.50
N PRO B 45 -0.84 16.50 14.59
CA PRO B 45 -0.37 17.20 15.80
C PRO B 45 -0.76 18.66 15.85
N ASP B 46 -1.23 19.24 14.73
CA ASP B 46 -1.54 20.65 14.70
C ASP B 46 -3.00 20.85 15.14
N ALA B 47 -3.60 21.99 14.82
CA ALA B 47 -4.93 22.34 15.27
C ALA B 47 -6.02 21.87 14.32
N THR B 48 -5.69 20.96 13.40
CA THR B 48 -6.70 20.49 12.44
C THR B 48 -7.99 20.08 13.16
N ILE B 49 -7.87 19.21 14.17
CA ILE B 49 -9.05 18.71 14.87
C ILE B 49 -9.78 19.86 15.55
N SER B 50 -9.04 20.75 16.23
CA SER B 50 -9.68 21.88 16.88
C SER B 50 -10.46 22.72 15.89
N ILE B 51 -9.90 22.97 14.70
CA ILE B 51 -10.62 23.75 13.71
C ILE B 51 -11.87 23.01 13.24
N VAL B 52 -11.74 21.71 12.97
CA VAL B 52 -12.90 20.94 12.55
C VAL B 52 -13.94 20.91 13.66
N GLN B 53 -13.50 20.73 14.91
CA GLN B 53 -14.41 20.68 16.05
C GLN B 53 -15.22 21.96 16.21
N SER B 54 -14.74 23.09 15.68
CA SER B 54 -15.51 24.32 15.76
C SER B 54 -16.75 24.29 14.88
N PHE B 55 -16.81 23.33 13.94
CA PHE B 55 -17.99 23.11 13.11
C PHE B 55 -18.83 21.93 13.59
N SER B 56 -18.62 21.48 14.84
CA SER B 56 -19.33 20.30 15.34
C SER B 56 -20.82 20.42 15.09
N SER B 57 -21.42 19.30 14.67
CA SER B 57 -22.84 19.25 14.39
C SER B 57 -23.26 17.79 14.33
N THR B 58 -24.58 17.56 14.42
CA THR B 58 -25.09 16.20 14.32
C THR B 58 -24.86 15.62 12.92
N ASN B 59 -24.46 16.45 11.95
CA ASN B 59 -24.18 16.00 10.60
C ASN B 59 -22.69 15.92 10.29
N LEU B 60 -21.84 15.88 11.31
CA LEU B 60 -20.40 15.90 11.13
C LEU B 60 -19.77 14.82 11.99
N THR B 61 -18.89 14.02 11.40
CA THR B 61 -18.19 12.97 12.11
C THR B 61 -16.69 13.19 11.98
N ILE B 62 -15.99 13.02 13.10
CA ILE B 62 -14.54 13.16 13.14
C ILE B 62 -13.93 11.81 13.48
N ILE B 63 -13.07 11.32 12.59
CA ILE B 63 -12.18 10.20 12.86
C ILE B 63 -10.77 10.78 12.94
N SER B 64 -10.06 10.47 14.02
CA SER B 64 -8.65 10.87 14.13
C SER B 64 -7.85 9.73 14.74
N GLU B 65 -7.01 9.12 13.92
CA GLU B 65 -6.22 7.96 14.31
C GLU B 65 -5.20 7.73 13.20
N PRO B 66 -4.05 7.12 13.50
CA PRO B 66 -3.08 6.82 12.44
C PRO B 66 -3.72 6.00 11.33
N ASP B 67 -3.30 6.28 10.09
CA ASP B 67 -3.71 5.47 8.97
C ASP B 67 -2.52 5.25 8.05
N ARG B 68 -2.78 4.50 6.97
CA ARG B 68 -1.76 4.08 6.04
C ARG B 68 -1.70 4.97 4.79
N GLY B 69 -2.28 6.17 4.87
CA GLY B 69 -2.23 7.12 3.79
C GLY B 69 -3.62 7.55 3.35
N ILE B 70 -3.62 8.44 2.36
CA ILE B 70 -4.83 9.15 1.94
C ILE B 70 -5.93 8.16 1.56
N TYR B 71 -5.59 7.08 0.85
CA TYR B 71 -6.65 6.20 0.37
C TYR B 71 -7.16 5.27 1.48
N ASP B 72 -6.31 4.97 2.47
CA ASP B 72 -6.76 4.31 3.69
C ASP B 72 -7.82 5.16 4.39
N ALA B 73 -7.53 6.46 4.56
CA ALA B 73 -8.48 7.36 5.19
C ALA B 73 -9.79 7.43 4.39
N ILE B 74 -9.68 7.50 3.06
CA ILE B 74 -10.89 7.57 2.24
C ILE B 74 -11.72 6.31 2.42
N ASN B 75 -11.07 5.15 2.44
CA ASN B 75 -11.80 3.90 2.66
C ASN B 75 -12.56 3.92 3.98
N LYS B 76 -11.93 4.44 5.04
CA LYS B 76 -12.62 4.53 6.32
C LYS B 76 -13.87 5.40 6.21
N GLY B 77 -13.75 6.56 5.54
CA GLY B 77 -14.88 7.47 5.45
C GLY B 77 -15.99 6.93 4.56
N VAL B 78 -15.62 6.35 3.41
CA VAL B 78 -16.62 5.74 2.55
C VAL B 78 -17.36 4.63 3.28
N SER B 79 -16.64 3.84 4.07
CA SER B 79 -17.28 2.76 4.80
C SER B 79 -18.27 3.29 5.83
N ARG B 80 -18.04 4.49 6.36
CA ARG B 80 -18.92 5.12 7.32
C ARG B 80 -20.02 5.94 6.67
N ALA B 81 -19.96 6.13 5.36
CA ALA B 81 -20.84 7.08 4.69
C ALA B 81 -22.29 6.60 4.72
N GLN B 82 -23.21 7.52 5.01
CA GLN B 82 -24.62 7.23 4.97
C GLN B 82 -25.38 8.08 3.95
N GLY B 83 -24.69 8.89 3.17
CA GLY B 83 -25.34 9.64 2.13
C GLY B 83 -25.55 8.84 0.87
N GLY B 84 -26.50 9.29 0.06
CA GLY B 84 -26.78 8.58 -1.18
C GLY B 84 -25.65 8.67 -2.18
N MET B 85 -25.01 9.84 -2.27
CA MET B 85 -23.86 10.07 -3.15
C MET B 85 -22.68 10.50 -2.28
N ILE B 86 -21.52 9.92 -2.54
CA ILE B 86 -20.34 10.09 -1.69
C ILE B 86 -19.26 10.81 -2.50
N GLY B 87 -18.81 11.97 -2.00
CA GLY B 87 -17.73 12.72 -2.59
C GLY B 87 -16.49 12.67 -1.71
N VAL B 88 -15.38 13.08 -2.32
CA VAL B 88 -14.11 13.19 -1.63
C VAL B 88 -13.52 14.56 -1.89
N LEU B 89 -13.18 15.27 -0.82
CA LEU B 89 -12.66 16.63 -0.93
C LEU B 89 -11.43 16.75 -0.05
N GLY B 90 -10.30 17.13 -0.67
CA GLY B 90 -9.11 17.42 0.09
C GLY B 90 -9.17 18.77 0.76
N ALA B 91 -8.35 18.93 1.82
CA ALA B 91 -8.45 20.11 2.66
C ALA B 91 -7.99 21.38 1.97
N ASP B 92 -7.23 21.28 0.88
CA ASP B 92 -6.88 22.44 0.09
C ASP B 92 -7.71 22.56 -1.18
N ASP B 93 -8.80 21.80 -1.28
CA ASP B 93 -9.76 21.90 -2.37
C ASP B 93 -11.03 22.59 -1.89
N VAL B 94 -11.84 23.06 -2.84
CA VAL B 94 -13.17 23.56 -2.53
C VAL B 94 -14.16 23.11 -3.60
N TYR B 95 -15.38 22.77 -3.17
CA TYR B 95 -16.49 22.63 -4.11
C TYR B 95 -16.97 24.01 -4.54
N LYS B 96 -17.44 24.10 -5.78
CA LYS B 96 -18.04 25.34 -6.27
C LYS B 96 -19.49 25.44 -5.81
N PRO B 97 -20.07 26.63 -5.86
CA PRO B 97 -21.47 26.78 -5.40
C PRO B 97 -22.42 25.92 -6.22
N ASN B 98 -23.43 25.38 -5.52
CA ASN B 98 -24.55 24.64 -6.09
C ASN B 98 -24.15 23.29 -6.66
N VAL B 99 -22.92 22.84 -6.42
CA VAL B 99 -22.45 21.59 -7.00
C VAL B 99 -23.16 20.40 -6.37
N LEU B 100 -23.40 20.44 -5.06
CA LEU B 100 -24.05 19.30 -4.41
C LEU B 100 -25.49 19.15 -4.87
N SER B 101 -26.18 20.27 -5.10
CA SER B 101 -27.53 20.18 -5.66
CA SER B 101 -27.53 20.21 -5.67
C SER B 101 -27.51 19.60 -7.06
N VAL B 102 -26.48 19.94 -7.84
CA VAL B 102 -26.36 19.38 -9.19
C VAL B 102 -26.11 17.87 -9.11
N VAL B 103 -25.27 17.44 -8.17
CA VAL B 103 -25.06 16.00 -7.96
C VAL B 103 -26.38 15.32 -7.60
N LYS B 104 -27.13 15.90 -6.66
CA LYS B 104 -28.42 15.32 -6.27
C LYS B 104 -29.35 15.21 -7.47
N GLU B 105 -29.48 16.29 -8.25
CA GLU B 105 -30.37 16.28 -9.40
C GLU B 105 -29.99 15.18 -10.38
N ASN B 106 -28.71 15.09 -10.74
CA ASN B 106 -28.30 14.13 -11.75
C ASN B 106 -28.34 12.71 -11.21
N ALA B 107 -28.14 12.53 -9.90
CA ALA B 107 -28.22 11.20 -9.32
C ALA B 107 -29.67 10.73 -9.18
N SER B 108 -30.59 11.68 -8.99
CA SER B 108 -32.00 11.33 -8.76
C SER B 108 -32.59 10.47 -9.88
N ARG B 109 -31.93 10.39 -11.02
CA ARG B 109 -32.39 9.58 -12.15
C ARG B 109 -31.72 8.22 -12.16
N GLY B 110 -31.02 7.86 -11.09
CA GLY B 110 -30.51 6.51 -10.92
C GLY B 110 -29.10 6.27 -11.39
N VAL B 111 -28.38 7.32 -11.80
CA VAL B 111 -26.99 7.13 -12.22
C VAL B 111 -26.12 6.92 -10.99
N GLU B 112 -25.14 6.04 -11.10
CA GLU B 112 -24.35 5.61 -9.96
C GLU B 112 -23.17 6.53 -9.69
N ILE B 113 -22.63 7.17 -10.71
CA ILE B 113 -21.50 8.08 -10.59
C ILE B 113 -21.87 9.38 -11.30
N VAL B 114 -21.64 10.50 -10.62
CA VAL B 114 -21.76 11.82 -11.21
C VAL B 114 -20.42 12.52 -11.04
N ALA B 115 -19.77 12.85 -12.15
CA ALA B 115 -18.50 13.57 -12.12
C ALA B 115 -18.64 14.90 -12.83
N GLY B 116 -17.85 15.87 -12.40
CA GLY B 116 -17.79 17.15 -13.05
C GLY B 116 -16.39 17.53 -13.46
N LEU B 117 -16.21 18.80 -13.84
CA LEU B 117 -14.93 19.31 -14.26
C LEU B 117 -14.11 19.75 -13.05
N THR B 118 -12.81 19.91 -13.29
CA THR B 118 -11.85 20.31 -12.26
C THR B 118 -11.09 21.53 -12.76
N LEU B 119 -10.98 22.55 -11.91
CA LEU B 119 -10.19 23.73 -12.21
C LEU B 119 -8.86 23.62 -11.47
N ILE B 120 -7.77 23.56 -12.22
CA ILE B 120 -6.42 23.40 -11.69
C ILE B 120 -5.61 24.60 -12.18
N ASP B 121 -5.20 25.45 -11.25
CA ASP B 121 -4.42 26.64 -11.58
C ASP B 121 -5.11 27.49 -12.64
N GLY B 122 -6.42 27.63 -12.50
CA GLY B 122 -7.18 28.42 -13.44
C GLY B 122 -7.34 27.80 -14.81
N GLN B 123 -7.07 26.52 -14.95
CA GLN B 123 -7.26 25.81 -16.20
C GLN B 123 -8.05 24.54 -15.91
N LEU B 124 -8.92 24.19 -16.87
CA LEU B 124 -9.71 22.99 -16.74
C LEU B 124 -8.83 21.76 -16.92
N ARG B 125 -8.93 20.81 -15.99
CA ARG B 125 -8.29 19.52 -16.19
C ARG B 125 -8.71 18.94 -17.53
N ALA B 126 -7.74 18.41 -18.28
CA ALA B 126 -8.01 17.85 -19.61
C ALA B 126 -8.59 16.45 -19.42
N ASP B 127 -9.90 16.41 -19.18
CA ASP B 127 -10.57 15.16 -18.90
C ASP B 127 -10.72 14.31 -20.16
N GLU B 128 -10.90 13.01 -19.94
CA GLU B 128 -11.22 12.03 -20.97
C GLU B 128 -12.61 11.47 -20.70
N GLN B 129 -13.13 10.73 -21.66
CA GLN B 129 -14.44 10.12 -21.48
C GLN B 129 -14.36 8.89 -20.59
N TYR B 130 -15.43 8.69 -19.82
CA TYR B 130 -15.64 7.48 -19.02
C TYR B 130 -16.12 6.40 -19.99
N ARG B 131 -15.22 5.50 -20.36
CA ARG B 131 -15.44 4.51 -21.40
C ARG B 131 -14.25 3.56 -21.40
N PRO B 132 -14.30 2.47 -22.17
CA PRO B 132 -13.13 1.56 -22.22
C PRO B 132 -11.84 2.27 -22.57
N ALA B 133 -11.89 3.31 -23.41
CA ALA B 133 -10.67 4.01 -23.80
C ALA B 133 -9.91 4.51 -22.58
N ALA B 134 -10.62 4.81 -21.49
CA ALA B 134 -9.94 5.24 -20.27
C ALA B 134 -9.05 4.15 -19.70
N LEU B 135 -9.30 2.89 -20.05
CA LEU B 135 -8.60 1.77 -19.42
C LEU B 135 -7.16 1.65 -19.87
N ILE B 136 -6.76 2.38 -20.91
CA ILE B 136 -5.37 2.49 -21.31
C ILE B 136 -4.80 3.85 -20.95
N SER B 137 -5.44 4.54 -20.00
CA SER B 137 -5.02 5.87 -19.59
C SER B 137 -5.09 5.93 -18.07
N GLY B 138 -5.17 7.15 -17.55
CA GLY B 138 -5.35 7.39 -16.13
C GLY B 138 -6.81 7.55 -15.75
N ILE B 139 -7.05 8.27 -14.67
CA ILE B 139 -8.44 8.54 -14.28
C ILE B 139 -9.04 9.55 -15.25
N PRO B 140 -10.24 9.29 -15.80
CA PRO B 140 -10.76 10.15 -16.87
C PRO B 140 -11.28 11.51 -16.41
N PHE B 141 -11.51 11.68 -15.12
CA PHE B 141 -11.91 12.96 -14.54
C PHE B 141 -11.18 13.10 -13.21
N GLY B 142 -11.23 14.29 -12.65
CA GLY B 142 -10.67 14.50 -11.34
C GLY B 142 -11.37 13.68 -10.28
N HIS B 143 -10.60 13.00 -9.44
CA HIS B 143 -11.20 12.18 -8.38
C HIS B 143 -12.03 13.04 -7.43
N ASN B 144 -11.59 14.27 -7.16
CA ASN B 144 -12.32 15.14 -6.27
C ASN B 144 -13.56 15.73 -6.92
N ALA B 145 -13.68 15.65 -8.25
CA ALA B 145 -14.90 16.04 -8.95
C ALA B 145 -15.85 14.87 -9.15
N MET B 146 -15.54 13.72 -8.55
CA MET B 146 -16.34 12.51 -8.69
C MET B 146 -17.23 12.34 -7.45
N PHE B 147 -18.50 11.99 -7.70
CA PHE B 147 -19.42 11.55 -6.67
C PHE B 147 -19.91 10.17 -7.05
N ALA B 148 -19.93 9.25 -6.10
CA ALA B 148 -20.33 7.88 -6.39
C ALA B 148 -21.32 7.39 -5.33
N SER B 149 -22.33 6.67 -5.80
CA SER B 149 -23.40 6.23 -4.92
C SER B 149 -22.90 5.14 -3.96
N GLN B 150 -23.73 4.84 -2.96
CA GLN B 150 -23.44 3.70 -2.10
C GLN B 150 -23.37 2.41 -2.91
N GLU B 151 -24.26 2.27 -3.89
CA GLU B 151 -24.30 1.07 -4.71
C GLU B 151 -23.06 0.94 -5.57
N ALA B 152 -22.56 2.06 -6.12
CA ALA B 152 -21.30 2.00 -6.84
C ALA B 152 -20.20 1.43 -5.95
N TYR B 153 -20.05 1.95 -4.74
CA TYR B 153 -19.00 1.47 -3.85
C TYR B 153 -19.22 0.01 -3.44
N ARG B 154 -20.48 -0.38 -3.23
CA ARG B 154 -20.75 -1.77 -2.89
C ARG B 154 -20.33 -2.71 -4.03
N LYS B 155 -20.59 -2.31 -5.27
CA LYS B 155 -20.31 -3.16 -6.41
C LYS B 155 -18.84 -3.13 -6.80
N VAL B 156 -18.21 -1.96 -6.72
CA VAL B 156 -16.81 -1.85 -7.11
C VAL B 156 -15.90 -2.27 -5.97
N GLY B 157 -16.20 -1.81 -4.76
CA GLY B 157 -15.35 -2.06 -3.62
C GLY B 157 -14.63 -0.81 -3.17
N LEU B 158 -13.58 -1.01 -2.39
CA LEU B 158 -12.80 0.08 -1.81
C LEU B 158 -11.54 0.33 -2.64
N TYR B 159 -10.81 1.37 -2.27
CA TYR B 159 -9.58 1.73 -2.96
C TYR B 159 -8.44 0.79 -2.58
N ASP B 160 -7.59 0.50 -3.56
CA ASP B 160 -6.50 -0.45 -3.41
C ASP B 160 -5.29 0.29 -2.86
N LEU B 161 -4.95 0.03 -1.59
CA LEU B 161 -3.85 0.72 -0.93
C LEU B 161 -2.51 0.42 -1.59
N ALA B 162 -2.42 -0.61 -2.43
CA ALA B 162 -1.18 -0.89 -3.13
C ALA B 162 -0.76 0.30 -3.99
N TYR B 163 -1.73 1.10 -4.42
CA TYR B 163 -1.47 2.26 -5.27
C TYR B 163 -1.57 3.52 -4.42
N ARG B 164 -0.42 3.95 -3.90
CA ARG B 164 -0.41 5.17 -3.09
C ARG B 164 -0.70 6.42 -3.91
N ILE B 165 -0.58 6.34 -5.24
CA ILE B 165 -0.75 7.48 -6.13
C ILE B 165 -2.02 7.35 -6.97
N CYS B 166 -2.17 6.21 -7.67
CA CYS B 166 -3.20 6.08 -8.69
C CYS B 166 -4.34 5.15 -8.28
N ALA B 167 -4.58 5.03 -6.97
CA ALA B 167 -5.71 4.22 -6.50
C ALA B 167 -7.03 4.78 -7.02
N ASP B 168 -7.10 6.09 -7.24
CA ASP B 168 -8.32 6.69 -7.77
C ASP B 168 -8.56 6.21 -9.19
N ALA B 169 -7.55 6.26 -10.04
CA ALA B 169 -7.69 5.72 -11.39
C ALA B 169 -8.06 4.25 -11.36
N GLU B 170 -7.40 3.46 -10.51
CA GLU B 170 -7.66 2.03 -10.52
C GLU B 170 -9.08 1.73 -10.07
N TRP B 171 -9.61 2.50 -9.11
CA TRP B 171 -11.01 2.36 -8.73
C TRP B 171 -11.94 2.70 -9.90
N VAL B 172 -11.70 3.83 -10.56
CA VAL B 172 -12.57 4.24 -11.65
C VAL B 172 -12.52 3.21 -12.79
N HIS B 173 -11.32 2.68 -13.07
CA HIS B 173 -11.22 1.64 -14.10
C HIS B 173 -12.02 0.41 -13.70
N ARG B 174 -12.00 0.04 -12.42
CA ARG B 174 -12.85 -1.07 -11.97
C ARG B 174 -14.32 -0.74 -12.13
N ALA B 175 -14.70 0.53 -11.94
CA ALA B 175 -16.10 0.92 -12.14
C ALA B 175 -16.50 0.75 -13.60
N ILE B 176 -15.59 1.12 -14.52
CA ILE B 176 -15.86 0.96 -15.95
C ILE B 176 -16.02 -0.52 -16.28
N LYS B 177 -15.07 -1.34 -15.81
CA LYS B 177 -15.15 -2.77 -16.12
C LYS B 177 -16.38 -3.42 -15.49
N SER B 178 -16.90 -2.82 -14.43
CA SER B 178 -18.11 -3.33 -13.78
C SER B 178 -19.39 -2.73 -14.36
N ASP B 179 -19.27 -1.94 -15.43
CA ASP B 179 -20.42 -1.31 -16.08
C ASP B 179 -21.22 -0.45 -15.11
N ILE B 180 -20.52 0.30 -14.26
CA ILE B 180 -21.19 1.27 -13.41
C ILE B 180 -21.59 2.49 -14.24
N SER B 181 -22.88 2.84 -14.17
CA SER B 181 -23.36 3.98 -14.95
C SER B 181 -22.72 5.27 -14.45
N CYS B 182 -22.44 6.18 -15.38
CA CYS B 182 -21.77 7.44 -15.06
C CYS B 182 -22.37 8.56 -15.89
N ARG B 183 -22.51 9.73 -15.27
CA ARG B 183 -22.92 10.94 -15.98
C ARG B 183 -21.87 12.02 -15.75
N LYS B 184 -21.32 12.55 -16.82
CA LYS B 184 -20.33 13.63 -16.75
C LYS B 184 -21.06 14.96 -16.93
N VAL B 185 -20.89 15.86 -15.97
CA VAL B 185 -21.49 17.19 -16.04
C VAL B 185 -20.41 18.19 -16.45
N GLU B 186 -20.70 19.00 -17.45
CA GLU B 186 -19.74 19.97 -17.99
C GLU B 186 -19.82 21.30 -17.21
N GLN B 187 -19.58 21.19 -15.91
CA GLN B 187 -19.48 22.33 -15.00
C GLN B 187 -18.35 22.04 -14.01
N VAL B 188 -17.66 23.09 -13.59
CA VAL B 188 -16.58 22.91 -12.62
C VAL B 188 -17.17 22.49 -11.29
N PHE B 189 -16.79 21.31 -10.81
CA PHE B 189 -17.24 20.84 -9.51
C PHE B 189 -16.30 21.25 -8.39
N VAL B 190 -15.00 21.27 -8.64
CA VAL B 190 -13.99 21.49 -7.61
C VAL B 190 -12.88 22.37 -8.17
N GLU B 191 -12.38 23.28 -7.33
CA GLU B 191 -11.17 24.04 -7.58
C GLU B 191 -10.07 23.37 -6.76
N PHE B 192 -9.13 22.72 -7.45
CA PHE B 192 -8.13 21.83 -6.86
C PHE B 192 -6.95 22.65 -6.35
N GLY B 193 -6.53 22.38 -5.12
CA GLY B 193 -5.51 23.18 -4.47
C GLY B 193 -4.13 22.82 -5.03
N THR B 194 -3.42 23.81 -5.55
CA THR B 194 -2.09 23.60 -6.12
C THR B 194 -0.99 24.09 -5.19
N PRO B 202 7.15 11.32 -10.13
CA PRO B 202 7.09 11.44 -11.59
C PRO B 202 7.30 10.10 -12.28
N GLU B 203 8.51 9.54 -12.13
CA GLU B 203 8.72 8.16 -12.54
C GLU B 203 7.89 7.21 -11.67
N GLU B 204 7.65 7.59 -10.42
CA GLU B 204 6.76 6.80 -9.56
C GLU B 204 5.32 6.88 -10.04
N ILE B 205 4.90 8.06 -10.52
CA ILE B 205 3.56 8.20 -11.06
C ILE B 205 3.39 7.33 -12.31
N ILE B 206 4.34 7.44 -13.24
CA ILE B 206 4.27 6.66 -14.47
C ILE B 206 4.23 5.17 -14.15
N ALA B 207 5.10 4.74 -13.23
CA ALA B 207 5.14 3.33 -12.85
C ALA B 207 3.79 2.85 -12.35
N GLU B 208 3.16 3.62 -11.46
CA GLU B 208 1.85 3.23 -10.96
C GLU B 208 0.81 3.24 -12.08
N ALA B 209 0.82 4.29 -12.90
CA ALA B 209 -0.17 4.39 -13.98
C ALA B 209 -0.04 3.23 -14.95
N CYS B 210 1.20 2.82 -15.27
CA CYS B 210 1.38 1.67 -16.15
C CYS B 210 0.87 0.40 -15.47
N SER B 211 1.13 0.26 -14.17
CA SER B 211 0.65 -0.90 -13.41
C SER B 211 -0.87 -0.97 -13.42
N VAL B 212 -1.54 0.17 -13.26
CA VAL B 212 -2.99 0.20 -13.32
C VAL B 212 -3.50 -0.30 -14.66
N ILE B 213 -2.87 0.16 -15.75
CA ILE B 213 -3.29 -0.26 -17.08
C ILE B 213 -3.06 -1.76 -17.25
N GLN B 214 -1.93 -2.27 -16.76
CA GLN B 214 -1.68 -3.71 -16.86
C GLN B 214 -2.68 -4.50 -16.03
N ARG B 215 -3.18 -3.93 -14.94
CA ARG B 215 -4.19 -4.62 -14.16
C ARG B 215 -5.47 -4.81 -14.96
N ASN B 216 -5.78 -3.87 -15.86
CA ASN B 216 -6.89 -4.11 -16.79
C ASN B 216 -6.51 -5.14 -17.85
N PHE B 217 -5.31 -5.01 -18.40
CA PHE B 217 -4.86 -5.83 -19.53
C PHE B 217 -3.55 -6.47 -19.11
N PRO B 218 -3.62 -7.62 -18.43
CA PRO B 218 -2.39 -8.21 -17.87
C PRO B 218 -1.44 -8.78 -18.89
N PHE B 219 -1.85 -8.92 -20.15
CA PHE B 219 -0.94 -9.38 -21.20
C PHE B 219 0.05 -8.30 -21.61
N LEU B 220 -0.17 -7.06 -21.20
CA LEU B 220 0.68 -5.97 -21.64
C LEU B 220 1.99 -5.94 -20.87
N LEU B 221 3.08 -5.73 -21.61
CA LEU B 221 4.35 -5.37 -20.99
C LEU B 221 4.28 -3.93 -20.51
N LYS B 222 5.13 -3.61 -19.53
CA LYS B 222 5.14 -2.25 -18.98
C LYS B 222 5.39 -1.22 -20.07
N GLU B 223 6.35 -1.48 -20.96
CA GLU B 223 6.64 -0.55 -22.06
C GLU B 223 5.43 -0.38 -22.96
N GLU B 224 4.64 -1.44 -23.16
CA GLU B 224 3.46 -1.35 -24.02
C GLU B 224 2.37 -0.54 -23.33
N ALA B 225 2.15 -0.76 -22.03
CA ALA B 225 1.19 0.06 -21.31
C ALA B 225 1.61 1.52 -21.35
N LYS B 226 2.91 1.79 -21.19
CA LYS B 226 3.40 3.17 -21.25
C LYS B 226 3.19 3.76 -22.64
N TYR B 227 3.43 2.97 -23.69
CA TYR B 227 3.21 3.49 -25.04
C TYR B 227 1.76 3.89 -25.24
N LEU B 228 0.84 3.03 -24.81
CA LEU B 228 -0.58 3.34 -24.93
C LEU B 228 -0.93 4.60 -24.12
N LEU B 229 -0.50 4.66 -22.86
CA LEU B 229 -0.78 5.83 -22.04
C LEU B 229 -0.28 7.12 -22.71
N TYR B 230 0.95 7.08 -23.24
CA TYR B 230 1.48 8.28 -23.90
C TYR B 230 0.72 8.59 -25.18
N GLY B 231 0.30 7.55 -25.90
CA GLY B 231 -0.41 7.78 -27.14
C GLY B 231 -1.72 8.53 -26.94
N VAL B 232 -2.54 8.06 -26.01
CA VAL B 232 -3.81 8.74 -25.76
C VAL B 232 -3.56 10.14 -25.23
N ARG B 233 -2.61 10.30 -24.31
CA ARG B 233 -2.40 11.60 -23.67
C ARG B 233 -1.73 12.62 -24.59
N GLY B 234 -1.33 12.23 -25.80
CA GLY B 234 -0.69 13.15 -26.71
C GLY B 234 0.76 13.42 -26.42
N TRP B 235 1.43 12.57 -25.65
CA TRP B 235 2.84 12.74 -25.36
C TRP B 235 3.73 11.83 -26.21
N GLY B 236 3.16 11.01 -27.08
CA GLY B 236 3.96 10.03 -27.82
C GLY B 236 3.33 9.64 -29.11
N GLU B 237 4.18 9.32 -30.10
CA GLU B 237 3.77 8.78 -31.40
C GLU B 237 2.79 7.63 -31.20
N THR B 238 1.96 7.37 -32.23
CA THR B 238 0.99 6.30 -32.20
C THR B 238 1.19 5.29 -33.33
N SER B 239 2.40 5.26 -33.92
CA SER B 239 2.63 4.40 -35.08
C SER B 239 2.51 2.93 -34.73
N ARG B 240 2.81 2.54 -33.49
CA ARG B 240 2.83 1.14 -33.11
C ARG B 240 1.49 0.62 -32.60
N ILE B 241 0.44 1.45 -32.60
CA ILE B 241 -0.84 1.02 -32.03
C ILE B 241 -1.37 -0.20 -32.79
N GLU B 242 -1.32 -0.15 -34.12
CA GLU B 242 -1.78 -1.27 -34.93
C GLU B 242 -1.02 -2.54 -34.59
N GLN B 243 0.29 -2.43 -34.35
CA GLN B 243 1.07 -3.60 -33.99
C GLN B 243 0.58 -4.20 -32.68
N ILE B 244 0.31 -3.36 -31.69
CA ILE B 244 -0.14 -3.83 -30.39
C ILE B 244 -1.54 -4.44 -30.49
N LEU B 245 -2.43 -3.80 -31.24
CA LEU B 245 -3.78 -4.36 -31.41
C LEU B 245 -3.70 -5.73 -32.09
N ARG B 246 -2.86 -5.84 -33.11
CA ARG B 246 -2.62 -7.12 -33.77
C ARG B 246 -2.06 -8.15 -32.80
N LYS B 247 -1.17 -7.71 -31.91
CA LYS B 247 -0.52 -8.66 -31.01
C LYS B 247 -1.48 -9.19 -29.96
N TYR B 248 -2.39 -8.36 -29.48
CA TYR B 248 -3.23 -8.72 -28.35
C TYR B 248 -4.72 -8.69 -28.64
N GLY B 249 -5.16 -8.21 -29.80
CA GLY B 249 -6.58 -8.06 -30.05
C GLY B 249 -7.37 -9.29 -29.69
N HIS B 250 -6.88 -10.47 -30.08
CA HIS B 250 -7.61 -11.71 -29.83
C HIS B 250 -7.81 -11.99 -28.35
N GLU B 251 -7.05 -11.31 -27.48
CA GLU B 251 -7.10 -11.63 -26.06
C GLU B 251 -8.37 -11.08 -25.40
N SER B 252 -8.85 -9.92 -25.83
CA SER B 252 -9.95 -9.28 -25.12
C SER B 252 -10.70 -8.34 -26.04
N VAL B 253 -12.01 -8.52 -26.13
CA VAL B 253 -12.84 -7.54 -26.84
C VAL B 253 -12.69 -6.17 -26.20
N LEU B 254 -12.62 -6.14 -24.86
CA LEU B 254 -12.54 -4.85 -24.16
C LEU B 254 -11.31 -4.07 -24.59
N PHE B 255 -10.20 -4.77 -24.82
CA PHE B 255 -8.97 -4.11 -25.26
C PHE B 255 -9.12 -3.59 -26.69
N VAL B 256 -9.71 -4.38 -27.58
CA VAL B 256 -9.98 -3.88 -28.94
C VAL B 256 -10.83 -2.62 -28.87
N THR B 257 -11.90 -2.68 -28.07
CA THR B 257 -12.79 -1.52 -27.96
C THR B 257 -12.04 -0.31 -27.40
N ALA B 258 -11.24 -0.51 -26.36
CA ALA B 258 -10.46 0.61 -25.81
C ALA B 258 -9.59 1.25 -26.88
N LEU B 259 -8.88 0.43 -27.66
CA LEU B 259 -7.97 0.97 -28.65
C LEU B 259 -8.70 1.65 -29.80
N GLN B 260 -9.79 1.04 -30.27
CA GLN B 260 -10.58 1.65 -31.34
C GLN B 260 -11.19 2.98 -30.89
N GLU B 261 -11.64 3.04 -29.64
CA GLU B 261 -12.17 4.29 -29.11
C GLU B 261 -11.09 5.35 -28.98
N ALA B 262 -9.92 4.97 -28.44
CA ALA B 262 -8.88 5.95 -28.19
C ALA B 262 -8.17 6.36 -29.49
N PHE B 263 -8.11 5.47 -30.48
CA PHE B 263 -7.42 5.75 -31.75
C PHE B 263 -8.36 5.41 -32.90
N PRO B 264 -9.26 6.32 -33.25
CA PRO B 264 -10.22 6.00 -34.32
C PRO B 264 -9.58 5.60 -35.64
N ALA B 265 -8.38 6.09 -35.92
CA ALA B 265 -7.75 5.78 -37.19
C ALA B 265 -7.37 4.32 -37.35
N VAL B 266 -7.56 3.50 -36.31
CA VAL B 266 -7.21 2.09 -36.41
C VAL B 266 -8.48 1.24 -36.53
PB GDP C . 15.30 -4.29 -2.20
O1B GDP C . 14.19 -4.86 -1.34
O2B GDP C . 16.39 -5.33 -2.34
O3B GDP C . 15.86 -3.07 -1.51
O3A GDP C . 14.67 -3.85 -3.63
PA GDP C . 15.27 -4.29 -5.06
O1A GDP C . 16.70 -4.76 -4.96
O2A GDP C . 15.12 -3.21 -6.09
O5' GDP C . 14.29 -5.50 -5.43
C5' GDP C . 14.46 -6.68 -4.69
C4' GDP C . 13.90 -7.79 -5.52
O4' GDP C . 12.56 -7.53 -5.97
C3' GDP C . 14.67 -8.05 -6.83
O3' GDP C . 14.70 -9.47 -6.97
C2' GDP C . 13.92 -7.37 -7.97
O2' GDP C . 14.08 -8.09 -9.18
C1' GDP C . 12.50 -7.47 -7.42
N9 GDP C . 11.51 -6.45 -7.74
C8 GDP C . 11.61 -5.13 -7.61
N7 GDP C . 10.46 -4.54 -8.04
C5 GDP C . 9.60 -5.51 -8.41
C6 GDP C . 8.22 -5.61 -8.94
O6 GDP C . 7.53 -4.59 -9.15
N1 GDP C . 7.72 -6.83 -9.19
C2 GDP C . 8.44 -7.95 -8.97
N2 GDP C . 7.91 -9.16 -9.23
N3 GDP C . 9.71 -7.94 -8.48
C4 GDP C . 10.31 -6.78 -8.20
H4' GDP C . 13.95 -8.66 -4.85
H3' GDP C . 15.70 -7.65 -6.84
HO3' GDP C . 15.01 -9.70 -7.86
H2' GDP C . 14.24 -6.36 -8.23
HO2' GDP C . 14.98 -8.00 -9.49
H1' GDP C . 12.16 -8.38 -7.93
H8 GDP C . 12.48 -4.60 -7.23
HN1 GDP C . 6.76 -6.92 -9.56
HN21 GDP C . 8.45 -9.99 -9.06
HN22 GDP C . 6.99 -9.24 -9.60
C1 GOL D . 11.82 -8.28 1.05
O1 GOL D . 11.57 -7.17 1.86
C2 GOL D . 13.02 -7.94 0.13
O2 GOL D . 14.11 -7.56 0.86
C3 GOL D . 13.23 -9.21 -0.66
O3 GOL D . 13.79 -8.83 -1.88
H11 GOL D . 12.03 -9.08 1.56
H12 GOL D . 11.06 -8.51 0.50
HO1 GOL D . 11.67 -7.43 2.67
H2 GOL D . 12.83 -7.18 -0.45
HO2 GOL D . 13.83 -7.26 1.62
H31 GOL D . 13.79 -9.82 -0.15
H32 GOL D . 12.38 -9.67 -0.76
HO3 GOL D . 14.36 -8.21 -1.70
PB GDP E . -3.75 16.58 -3.14
O1B GDP E . -4.49 17.65 -2.39
O2B GDP E . -3.02 17.19 -4.30
O3B GDP E . -4.76 15.58 -3.68
O3A GDP E . -2.70 15.81 -2.15
PA GDP E . -2.41 16.34 -0.66
O1A GDP E . -1.01 16.06 -0.19
O2A GDP E . -2.72 17.81 -0.57
O5' GDP E . -3.42 15.47 0.24
C5' GDP E . -4.78 15.53 -0.06
C4' GDP E . -5.52 15.52 1.26
O4' GDP E . -5.20 14.35 2.03
C3' GDP E . -5.20 16.69 2.21
O3' GDP E . -6.48 17.09 2.70
C2' GDP E . -4.28 16.20 3.31
O2' GDP E . -4.52 16.76 4.57
C1' GDP E . -4.66 14.72 3.32
N9 GDP E . -3.63 13.74 3.64
C8 GDP E . -2.40 13.66 3.11
N7 GDP E . -1.74 12.61 3.66
C5 GDP E . -2.58 12.00 4.52
C6 GDP E . -2.53 10.81 5.42
O6 GDP E . -1.49 10.14 5.50
N1 GDP E . -3.63 10.52 6.14
C2 GDP E . -4.75 11.28 6.05
N2 GDP E . -5.84 10.98 6.79
N3 GDP E . -4.87 12.35 5.25
C4 GDP E . -3.83 12.75 4.48
H4' GDP E . -6.56 15.58 0.93
H3' GDP E . -4.69 17.55 1.74
HO3' GDP E . -6.37 17.82 3.32
H2' GDP E . -3.22 16.44 3.13
HO2' GDP E . -4.32 17.71 4.54
H1' GDP E . -5.37 14.68 4.16
H8 GDP E . -2.01 14.34 2.37
HN1 GDP E . -3.62 9.70 6.78
HN21 GDP E . -5.85 10.22 7.41
HN22 GDP E . -6.66 11.56 6.69
C1 GOL F . -7.86 13.58 -2.18
O1 GOL F . -8.44 14.82 -2.01
C2 GOL F . -8.03 13.14 -3.67
O2 GOL F . -7.19 13.81 -4.49
C3 GOL F . -7.73 11.62 -3.57
O3 GOL F . -7.29 11.23 -4.84
H11 GOL F . -6.92 13.58 -1.96
H12 GOL F . -8.27 12.90 -1.62
HO1 GOL F . -9.23 14.79 -2.33
H2 GOL F . -8.91 13.34 -4.02
HO2 GOL F . -6.82 13.23 -5.00
H31 GOL F . -7.08 11.47 -2.87
H32 GOL F . -8.54 11.16 -3.28
HO3 GOL F . -7.59 10.46 -4.99
S SO4 G . -0.65 11.34 -14.96
O1 SO4 G . -0.29 10.56 -16.15
O2 SO4 G . -1.83 12.17 -15.24
O3 SO4 G . -0.96 10.41 -13.88
O4 SO4 G . 0.47 12.20 -14.58
#